data_1O5R
#
_entry.id   1O5R
#
_cell.length_a   78.440
_cell.length_b   78.440
_cell.length_c   137.710
_cell.angle_alpha   90.00
_cell.angle_beta   90.00
_cell.angle_gamma   90.00
#
_symmetry.space_group_name_H-M   'P 43 21 2'
#
loop_
_entity.id
_entity.type
_entity.pdbx_description
1 polymer 'Adenosine deaminase'
2 non-polymer 'ZINC ION'
3 non-polymer 1-[(1R)-3-(6-{[(BENZYLAMINO)CARBONYL]AMINO}-1H-INDOL-1-YL)-1-(HYDROXYMETHYL)PROPYL]-1H-IMIDAZOLE-4-CARBOXAMIDE
4 water water
#
_entity_poly.entity_id   1
_entity_poly.type   'polypeptide(L)'
_entity_poly.pdbx_seq_one_letter_code
;AQTPAFDKPKVELHVHLDGAIKPETILYYGKRRGIALPADTPEELQNIIGMDKPLTLPDFLAKFDYYMPAIAGCRDAIKR
IAYEFVEMKAKDGVVYVEVRYSPHLLANSKVEPIPWNQAEGDLTPDEVVSLVNQGLQEGERDFGVKVRSILCCMRHQPSW
SSEVVELCKKYREQTVVAIDLAGDETIEGSSLFPGHVQAYAEAVKSGVHRTVHAGEVGSANVVKEAVDTLKTERLGHGYH
TLEDTTLYNRLRQENMHFEICPWSSYLTGAWKPDTEHAVIRFKNDQVNYSLNTDDPLIFKSTLDTDYQMTKKDMGFTEEE
FKRLNINAAKSSFLPEDEKKELLDLLYKAYRMPSPA
;
_entity_poly.pdbx_strand_id   A
#
# COMPACT_ATOMS: atom_id res chain seq x y z
N THR A 3 21.17 -12.66 -8.09
CA THR A 3 20.02 -12.19 -8.90
C THR A 3 19.59 -10.78 -8.75
N PRO A 4 19.22 -10.37 -7.48
CA PRO A 4 18.43 -9.19 -7.31
C PRO A 4 18.87 -8.13 -8.20
N ALA A 5 17.84 -7.54 -8.86
CA ALA A 5 18.27 -6.57 -9.87
C ALA A 5 19.06 -5.43 -9.34
N PHE A 6 18.67 -5.10 -8.14
CA PHE A 6 19.35 -4.04 -7.42
C PHE A 6 19.63 -4.50 -6.08
N ASP A 7 20.85 -4.79 -5.77
CA ASP A 7 21.40 -5.04 -4.46
C ASP A 7 21.87 -3.83 -3.82
N LYS A 8 20.96 -2.87 -3.64
CA LYS A 8 21.32 -1.67 -2.88
C LYS A 8 20.15 -1.52 -2.00
N PRO A 9 20.23 -0.69 -0.97
CA PRO A 9 18.94 -0.50 -0.27
C PRO A 9 17.91 0.23 -1.07
N LYS A 10 16.70 -0.07 -0.62
CA LYS A 10 15.46 0.48 -1.28
C LYS A 10 14.63 1.13 -0.31
N VAL A 11 13.76 2.04 -0.83
CA VAL A 11 12.60 2.62 -0.10
C VAL A 11 11.34 2.15 -0.66
N GLU A 12 10.34 1.77 0.17
CA GLU A 12 9.06 1.41 -0.43
C GLU A 12 7.90 2.18 0.18
N LEU A 13 7.03 2.75 -0.64
CA LEU A 13 5.92 3.60 -0.12
C LEU A 13 4.48 3.05 -0.21
N HIS A 14 4.30 2.07 -0.94
CA HIS A 14 3.00 1.56 -1.31
C HIS A 14 2.83 -0.04 -1.18
N VAL A 15 2.46 -0.50 -0.05
CA VAL A 15 2.38 -1.93 0.17
C VAL A 15 1.26 -2.11 1.20
N HIS A 16 0.38 -3.04 0.89
CA HIS A 16 -0.73 -3.20 1.83
C HIS A 16 -0.59 -4.30 2.92
N LEU A 17 -0.63 -4.02 4.19
CA LEU A 17 -0.50 -5.05 5.25
C LEU A 17 -1.38 -6.29 5.18
N ASP A 18 -2.68 -6.05 4.93
CA ASP A 18 -3.52 -7.22 4.67
C ASP A 18 -3.30 -7.90 3.39
N GLY A 19 -2.26 -7.47 2.68
CA GLY A 19 -1.76 -8.25 1.47
C GLY A 19 -0.27 -8.76 1.51
N ALA A 20 0.27 -8.81 2.66
CA ALA A 20 1.69 -9.18 2.81
C ALA A 20 1.74 -9.99 4.10
N ILE A 21 0.93 -11.08 3.97
CA ILE A 21 0.85 -12.02 5.08
C ILE A 21 1.53 -13.36 4.72
N LYS A 22 2.05 -14.12 5.59
CA LYS A 22 2.66 -15.36 4.99
C LYS A 22 1.74 -16.52 5.00
N PRO A 23 1.73 -17.35 3.97
CA PRO A 23 0.69 -18.39 4.00
C PRO A 23 0.62 -19.15 5.32
N GLU A 24 1.81 -19.67 5.69
CA GLU A 24 2.03 -20.16 7.06
C GLU A 24 1.24 -19.65 8.28
N THR A 25 1.11 -18.34 8.36
CA THR A 25 0.42 -17.78 9.54
C THR A 25 -1.07 -17.81 9.39
N ILE A 26 -1.46 -17.82 8.14
CA ILE A 26 -2.89 -17.97 7.92
C ILE A 26 -3.37 -19.37 8.21
N LEU A 27 -2.61 -20.30 7.58
CA LEU A 27 -2.79 -21.73 8.02
C LEU A 27 -2.81 -22.07 9.47
N TYR A 28 -1.78 -21.52 10.12
CA TYR A 28 -1.80 -21.43 11.62
C TYR A 28 -2.93 -20.84 12.38
N TYR A 29 -3.47 -19.59 11.97
CA TYR A 29 -4.63 -19.14 12.79
C TYR A 29 -5.97 -19.65 12.40
N GLY A 30 -6.03 -19.97 11.13
CA GLY A 30 -7.21 -20.69 10.63
C GLY A 30 -7.46 -22.12 11.20
N LYS A 31 -6.38 -22.87 11.15
CA LYS A 31 -6.29 -24.03 12.03
C LYS A 31 -6.60 -23.64 13.46
N ARG A 32 -5.72 -22.91 14.16
CA ARG A 32 -6.20 -22.81 15.54
C ARG A 32 -7.39 -21.92 15.95
N ARG A 33 -8.20 -21.51 14.93
CA ARG A 33 -9.51 -20.86 15.25
C ARG A 33 -10.72 -21.52 14.59
N GLY A 34 -10.44 -22.51 13.79
CA GLY A 34 -11.62 -23.09 13.21
C GLY A 34 -11.98 -22.81 11.73
N ILE A 35 -11.28 -21.90 11.04
CA ILE A 35 -11.99 -21.45 9.84
C ILE A 35 -12.02 -22.31 8.50
N ALA A 36 -10.98 -23.15 8.51
CA ALA A 36 -10.71 -24.04 7.36
C ALA A 36 -10.46 -23.43 5.96
N LEU A 37 -9.19 -23.42 5.66
CA LEU A 37 -8.87 -22.73 4.42
C LEU A 37 -9.32 -23.51 3.19
N PRO A 38 -9.01 -23.17 1.89
CA PRO A 38 -9.11 -24.26 0.87
C PRO A 38 -8.00 -25.38 0.82
N ALA A 39 -7.10 -25.39 1.79
CA ALA A 39 -5.97 -26.35 1.69
C ALA A 39 -5.21 -26.30 3.01
N ASP A 40 -4.37 -27.31 3.26
CA ASP A 40 -3.75 -27.48 4.61
C ASP A 40 -2.19 -27.47 4.58
N THR A 41 -1.71 -27.48 3.34
CA THR A 41 -0.29 -27.13 3.23
C THR A 41 0.00 -25.63 2.83
N PRO A 42 0.88 -24.89 3.56
CA PRO A 42 1.55 -23.65 3.07
C PRO A 42 1.76 -23.42 1.59
N GLU A 43 2.11 -24.42 0.82
CA GLU A 43 2.33 -24.16 -0.61
C GLU A 43 1.22 -24.46 -1.55
N GLU A 44 0.11 -25.02 -0.99
CA GLU A 44 -0.97 -25.04 -2.04
C GLU A 44 -2.04 -23.98 -1.80
N LEU A 45 -2.06 -23.49 -0.52
CA LEU A 45 -2.76 -22.17 -0.26
C LEU A 45 -2.20 -21.00 -1.14
N GLN A 46 -0.87 -20.72 -1.07
CA GLN A 46 -0.35 -19.75 -2.02
C GLN A 46 -0.83 -19.75 -3.52
N ASN A 47 -0.93 -20.96 -4.06
CA ASN A 47 -1.19 -20.91 -5.51
C ASN A 47 -2.63 -20.77 -5.94
N ILE A 48 -3.49 -20.84 -4.93
CA ILE A 48 -4.90 -20.45 -5.21
C ILE A 48 -5.34 -19.14 -4.58
N ILE A 49 -4.55 -18.78 -3.56
CA ILE A 49 -4.75 -17.42 -3.08
C ILE A 49 -3.92 -16.39 -3.69
N GLY A 50 -2.98 -16.80 -4.50
CA GLY A 50 -2.19 -15.82 -5.21
C GLY A 50 -2.49 -15.95 -6.69
N MET A 51 -2.28 -14.89 -7.45
CA MET A 51 -2.66 -15.08 -8.85
C MET A 51 -1.51 -15.07 -9.87
N ASP A 52 -1.82 -15.45 -11.11
CA ASP A 52 -0.73 -15.24 -12.08
C ASP A 52 -1.05 -14.88 -13.52
N LYS A 53 -2.28 -14.43 -13.71
CA LYS A 53 -2.77 -13.98 -14.99
C LYS A 53 -3.77 -12.89 -14.52
N PRO A 54 -3.93 -11.84 -15.29
CA PRO A 54 -4.99 -10.91 -14.94
C PRO A 54 -6.31 -11.58 -14.55
N LEU A 55 -6.87 -11.19 -13.44
CA LEU A 55 -8.25 -11.57 -13.10
C LEU A 55 -9.17 -10.35 -13.08
N THR A 56 -10.43 -10.61 -12.71
CA THR A 56 -11.40 -9.53 -12.56
C THR A 56 -11.63 -9.18 -11.09
N LEU A 57 -12.17 -7.97 -10.86
CA LEU A 57 -12.39 -7.51 -9.50
C LEU A 57 -12.94 -8.62 -8.60
N PRO A 58 -14.13 -9.12 -8.98
CA PRO A 58 -14.78 -10.19 -8.23
C PRO A 58 -13.83 -11.37 -8.03
N ASP A 59 -13.24 -11.82 -9.16
CA ASP A 59 -12.25 -12.89 -9.07
C ASP A 59 -11.16 -12.55 -8.05
N PHE A 60 -10.76 -11.22 -8.11
CA PHE A 60 -9.77 -10.65 -7.18
C PHE A 60 -10.15 -10.49 -5.71
N LEU A 61 -11.40 -10.09 -5.41
CA LEU A 61 -11.77 -9.95 -3.99
C LEU A 61 -12.09 -11.18 -3.22
N ALA A 62 -12.25 -12.29 -3.98
CA ALA A 62 -12.44 -13.59 -3.28
C ALA A 62 -11.22 -14.09 -2.55
N LYS A 63 -10.04 -13.71 -3.15
CA LYS A 63 -8.83 -14.03 -2.44
C LYS A 63 -8.74 -13.62 -1.02
N PHE A 64 -9.29 -12.43 -0.76
CA PHE A 64 -9.34 -11.99 0.65
C PHE A 64 -10.32 -12.78 1.56
N ASP A 65 -11.44 -13.17 0.92
CA ASP A 65 -12.40 -14.09 1.62
C ASP A 65 -11.95 -15.53 1.87
N TYR A 66 -10.92 -15.98 1.17
CA TYR A 66 -10.19 -17.14 1.69
C TYR A 66 -9.57 -16.84 3.03
N TYR A 67 -8.74 -15.78 3.04
CA TYR A 67 -7.87 -15.68 4.23
C TYR A 67 -8.20 -14.74 5.33
N MET A 68 -8.79 -13.63 5.00
CA MET A 68 -9.02 -12.61 6.06
C MET A 68 -9.85 -12.98 7.28
N PRO A 69 -10.82 -13.88 7.12
CA PRO A 69 -11.47 -14.42 8.30
C PRO A 69 -10.62 -15.09 9.35
N ALA A 70 -9.44 -15.52 8.98
CA ALA A 70 -8.57 -16.21 9.95
C ALA A 70 -7.53 -15.36 10.66
N ILE A 71 -7.64 -14.03 10.39
CA ILE A 71 -6.56 -13.08 10.84
C ILE A 71 -7.27 -11.97 11.61
N ALA A 72 -8.41 -11.57 11.01
CA ALA A 72 -9.20 -10.52 11.64
C ALA A 72 -9.94 -10.85 12.95
N GLY A 73 -10.16 -9.84 13.77
CA GLY A 73 -10.76 -10.47 14.94
C GLY A 73 -9.73 -10.82 16.02
N CYS A 74 -8.75 -11.65 15.64
CA CYS A 74 -7.78 -12.13 16.63
C CYS A 74 -6.67 -11.10 16.91
N ARG A 75 -6.67 -10.61 18.16
CA ARG A 75 -5.63 -9.67 18.57
C ARG A 75 -4.23 -10.21 18.25
N ASP A 76 -4.05 -11.50 18.56
CA ASP A 76 -2.75 -12.12 18.38
C ASP A 76 -2.26 -12.03 16.93
N ALA A 77 -3.15 -12.42 16.00
CA ALA A 77 -2.78 -12.42 14.59
C ALA A 77 -2.45 -11.01 14.10
N ILE A 78 -3.32 -10.05 14.47
CA ILE A 78 -3.12 -8.69 14.00
C ILE A 78 -1.70 -8.20 14.30
N LYS A 79 -1.24 -8.50 15.53
CA LYS A 79 0.10 -8.06 15.94
C LYS A 79 1.21 -8.88 15.27
N ARG A 80 0.87 -10.11 14.88
CA ARG A 80 1.87 -10.98 14.27
C ARG A 80 2.23 -10.55 12.85
N ILE A 81 1.18 -10.23 12.07
CA ILE A 81 1.42 -9.91 10.66
C ILE A 81 2.18 -8.59 10.49
N ALA A 82 2.01 -7.69 11.48
CA ALA A 82 2.80 -6.47 11.48
C ALA A 82 4.29 -6.81 11.69
N TYR A 83 4.55 -7.55 12.78
CA TYR A 83 5.91 -7.99 13.05
C TYR A 83 6.52 -8.70 11.85
N GLU A 84 5.80 -9.75 11.38
CA GLU A 84 6.32 -10.55 10.27
C GLU A 84 6.41 -9.75 8.98
N PHE A 85 5.63 -8.67 8.91
CA PHE A 85 5.70 -7.80 7.73
C PHE A 85 7.06 -7.09 7.66
N VAL A 86 7.49 -6.59 8.83
CA VAL A 86 8.80 -5.93 8.91
C VAL A 86 9.92 -6.90 8.57
N GLU A 87 9.72 -8.17 8.98
CA GLU A 87 10.76 -9.17 8.78
C GLU A 87 10.99 -9.48 7.29
N MET A 88 9.88 -9.58 6.55
CA MET A 88 9.99 -9.97 5.15
C MET A 88 10.42 -8.80 4.26
N LYS A 89 10.27 -7.57 4.81
CA LYS A 89 10.73 -6.41 4.08
C LYS A 89 12.25 -6.25 4.19
N ALA A 90 12.77 -6.66 5.36
CA ALA A 90 14.22 -6.66 5.54
C ALA A 90 14.90 -7.57 4.51
N LYS A 91 14.23 -8.70 4.23
CA LYS A 91 14.74 -9.61 3.22
C LYS A 91 14.79 -8.93 1.85
N ASP A 92 13.88 -7.96 1.65
CA ASP A 92 13.80 -7.30 0.35
C ASP A 92 14.88 -6.24 0.19
N GLY A 93 15.59 -5.96 1.30
CA GLY A 93 16.66 -4.97 1.24
C GLY A 93 16.13 -3.56 1.45
N VAL A 94 14.90 -3.49 2.00
CA VAL A 94 14.29 -2.19 2.25
C VAL A 94 14.82 -1.56 3.54
N VAL A 95 15.24 -0.29 3.43
CA VAL A 95 15.70 0.42 4.62
C VAL A 95 14.54 1.18 5.28
N TYR A 96 13.67 1.73 4.41
CA TYR A 96 12.50 2.44 4.91
C TYR A 96 11.24 2.03 4.14
N VAL A 97 10.16 1.77 4.91
CA VAL A 97 8.94 1.29 4.28
C VAL A 97 7.67 1.87 4.93
N GLU A 98 6.76 2.33 4.06
CA GLU A 98 5.44 2.75 4.53
C GLU A 98 4.37 1.71 4.17
N VAL A 99 3.76 1.16 5.23
CA VAL A 99 2.75 0.11 5.02
C VAL A 99 1.33 0.60 5.29
N ARG A 100 0.40 0.19 4.38
CA ARG A 100 -0.96 0.68 4.50
C ARG A 100 -2.00 -0.43 4.68
N TYR A 101 -3.09 -0.05 5.37
CA TYR A 101 -4.15 -1.01 5.63
C TYR A 101 -5.38 -0.33 6.25
N SER A 102 -6.52 -1.00 6.13
CA SER A 102 -7.74 -0.46 6.72
C SER A 102 -8.06 -1.14 8.06
N PRO A 103 -8.03 -0.33 9.15
CA PRO A 103 -8.24 -0.86 10.49
C PRO A 103 -9.61 -1.50 10.67
N HIS A 104 -10.61 -0.98 9.92
CA HIS A 104 -11.95 -1.50 10.05
C HIS A 104 -12.09 -2.93 9.52
N LEU A 105 -11.34 -3.20 8.43
CA LEU A 105 -11.43 -4.51 7.80
C LEU A 105 -10.75 -5.59 8.64
N LEU A 106 -9.97 -5.14 9.64
CA LEU A 106 -9.27 -6.08 10.50
C LEU A 106 -9.98 -6.27 11.84
N ALA A 107 -11.17 -5.65 11.96
CA ALA A 107 -11.87 -5.69 13.24
C ALA A 107 -13.21 -6.42 13.16
N ASN A 108 -13.76 -6.75 14.34
CA ASN A 108 -15.08 -7.37 14.37
C ASN A 108 -15.95 -6.79 15.49
N SER A 109 -15.79 -5.47 15.71
CA SER A 109 -16.67 -4.76 16.63
C SER A 109 -16.54 -3.24 16.46
N LYS A 110 -17.58 -2.52 16.91
CA LYS A 110 -17.57 -1.08 16.74
C LYS A 110 -17.49 -0.69 15.26
N VAL A 111 -17.71 -1.70 14.39
CA VAL A 111 -17.70 -1.44 12.96
C VAL A 111 -18.93 -2.03 12.29
N GLU A 112 -19.54 -1.21 11.40
CA GLU A 112 -20.73 -1.68 10.69
C GLU A 112 -20.65 -1.36 9.20
N PRO A 113 -20.84 -2.42 8.38
CA PRO A 113 -21.10 -3.75 8.89
C PRO A 113 -19.81 -4.48 9.25
N ILE A 114 -19.96 -5.59 9.99
CA ILE A 114 -18.80 -6.42 10.29
C ILE A 114 -18.36 -7.19 9.05
N PRO A 115 -17.06 -7.03 8.73
CA PRO A 115 -16.52 -7.50 7.46
C PRO A 115 -16.27 -9.00 7.43
N TRP A 116 -16.11 -9.51 6.19
CA TRP A 116 -15.65 -10.87 6.00
C TRP A 116 -16.71 -11.93 6.35
N ASN A 117 -17.59 -11.60 7.31
CA ASN A 117 -18.65 -12.54 7.63
C ASN A 117 -18.64 -12.99 9.09
N GLN A 118 -17.89 -12.25 9.92
CA GLN A 118 -17.70 -12.71 11.30
C GLN A 118 -18.76 -12.17 12.27
N ALA A 119 -19.08 -13.02 13.26
CA ALA A 119 -19.91 -12.57 14.35
C ALA A 119 -19.21 -11.47 15.16
N GLU A 120 -20.01 -10.71 15.92
CA GLU A 120 -19.44 -9.61 16.69
C GLU A 120 -18.43 -10.11 17.72
N GLY A 121 -17.60 -9.17 18.21
CA GLY A 121 -16.65 -9.50 19.28
C GLY A 121 -16.31 -8.27 20.11
N ASP A 122 -15.01 -8.13 20.41
CA ASP A 122 -14.57 -6.94 21.15
C ASP A 122 -13.24 -6.41 20.65
N LEU A 123 -12.94 -6.72 19.37
CA LEU A 123 -11.80 -6.09 18.71
C LEU A 123 -12.25 -4.89 17.88
N THR A 124 -11.92 -3.68 18.38
CA THR A 124 -12.35 -2.48 17.70
C THR A 124 -11.22 -1.83 16.91
N PRO A 125 -11.60 -1.15 15.81
CA PRO A 125 -10.65 -0.51 14.93
C PRO A 125 -9.53 0.22 15.70
N ASP A 126 -9.93 0.84 16.83
CA ASP A 126 -8.99 1.67 17.57
C ASP A 126 -7.79 0.88 18.10
N GLU A 127 -8.10 -0.26 18.74
CA GLU A 127 -7.04 -1.05 19.35
C GLU A 127 -6.43 -2.05 18.37
N VAL A 128 -6.97 -2.03 17.13
CA VAL A 128 -6.38 -2.82 16.08
C VAL A 128 -5.10 -2.15 15.57
N VAL A 129 -5.20 -0.81 15.45
CA VAL A 129 -4.08 -0.02 14.97
C VAL A 129 -3.00 0.12 16.04
N SER A 130 -3.43 0.03 17.30
CA SER A 130 -2.47 0.07 18.41
C SER A 130 -1.61 -1.19 18.40
N LEU A 131 -2.30 -2.34 18.27
CA LEU A 131 -1.59 -3.61 18.11
C LEU A 131 -0.59 -3.53 16.96
N VAL A 132 -1.15 -3.34 15.75
CA VAL A 132 -0.30 -3.23 14.57
C VAL A 132 0.89 -2.30 14.85
N ASN A 133 0.58 -1.16 15.49
CA ASN A 133 1.63 -0.26 15.90
C ASN A 133 2.72 -1.00 16.70
N GLN A 134 2.26 -1.86 17.62
CA GLN A 134 3.21 -2.60 18.46
C GLN A 134 4.17 -3.44 17.61
N GLY A 135 3.60 -4.45 16.92
CA GLY A 135 4.42 -5.35 16.11
C GLY A 135 5.32 -4.59 15.15
N LEU A 136 4.82 -3.44 14.66
CA LEU A 136 5.59 -2.67 13.69
C LEU A 136 6.86 -2.09 14.32
N GLN A 137 6.67 -1.46 15.49
CA GLN A 137 7.82 -0.93 16.21
C GLN A 137 8.72 -2.06 16.71
N GLU A 138 8.07 -3.19 17.06
CA GLU A 138 8.83 -4.35 17.51
C GLU A 138 9.70 -4.92 16.39
N GLY A 139 9.09 -5.04 15.20
CA GLY A 139 9.86 -5.50 14.05
C GLY A 139 10.98 -4.52 13.68
N GLU A 140 10.68 -3.22 13.81
CA GLU A 140 11.66 -2.21 13.43
C GLU A 140 12.97 -2.37 14.19
N ARG A 141 12.85 -2.59 15.52
CA ARG A 141 14.06 -2.67 16.35
C ARG A 141 14.60 -4.09 16.44
N ASP A 142 13.81 -5.04 15.92
CA ASP A 142 14.29 -6.42 15.85
C ASP A 142 14.94 -6.70 14.50
N PHE A 143 14.51 -5.91 13.49
CA PHE A 143 14.90 -6.23 12.12
C PHE A 143 15.74 -5.14 11.45
N GLY A 144 15.69 -3.92 12.03
CA GLY A 144 16.56 -2.85 11.55
C GLY A 144 15.97 -2.08 10.35
N VAL A 145 14.66 -2.29 10.13
CA VAL A 145 13.99 -1.54 9.07
C VAL A 145 13.05 -0.48 9.65
N LYS A 146 13.18 0.75 9.10
CA LYS A 146 12.32 1.83 9.59
C LYS A 146 10.93 1.74 8.98
N VAL A 147 9.93 1.58 9.87
CA VAL A 147 8.57 1.37 9.37
C VAL A 147 7.59 2.42 9.90
N ARG A 148 6.88 3.05 8.94
CA ARG A 148 5.79 3.95 9.32
C ARG A 148 4.46 3.41 8.79
N SER A 149 3.36 3.97 9.33
CA SER A 149 2.06 3.41 9.00
C SER A 149 1.16 4.37 8.22
N ILE A 150 0.32 3.76 7.37
CA ILE A 150 -0.70 4.54 6.68
C ILE A 150 -2.07 3.89 6.82
N LEU A 151 -3.05 4.71 7.27
CA LEU A 151 -4.39 4.17 7.45
C LEU A 151 -5.28 4.48 6.26
N CYS A 152 -6.01 3.44 5.81
CA CYS A 152 -6.73 3.57 4.54
C CYS A 152 -8.24 3.76 4.75
N CYS A 153 -8.76 4.81 4.08
CA CYS A 153 -10.20 4.93 3.97
C CYS A 153 -10.72 4.03 2.84
N MET A 154 -11.96 3.55 3.00
CA MET A 154 -12.52 2.67 1.99
C MET A 154 -13.56 3.40 1.12
N ARG A 155 -13.32 3.35 -0.20
CA ARG A 155 -14.16 4.09 -1.14
C ARG A 155 -15.66 3.87 -0.88
N HIS A 156 -16.02 2.60 -0.69
CA HIS A 156 -17.45 2.27 -0.64
C HIS A 156 -18.06 2.49 0.76
N GLN A 157 -17.24 3.05 1.68
CA GLN A 157 -17.75 3.26 3.03
C GLN A 157 -17.27 4.56 3.65
N PRO A 158 -17.82 5.68 3.13
CA PRO A 158 -17.45 7.01 3.61
C PRO A 158 -17.71 7.18 5.10
N SER A 159 -18.46 6.22 5.67
CA SER A 159 -18.81 6.31 7.08
C SER A 159 -17.60 6.10 7.99
N TRP A 160 -16.66 5.28 7.48
CA TRP A 160 -15.49 4.98 8.31
C TRP A 160 -14.43 6.09 8.24
N SER A 161 -14.60 6.98 7.25
CA SER A 161 -13.54 7.92 6.92
C SER A 161 -13.18 8.85 8.09
N SER A 162 -14.22 9.32 8.80
CA SER A 162 -13.97 10.29 9.87
C SER A 162 -13.31 9.64 11.09
N GLU A 163 -13.50 8.31 11.19
CA GLU A 163 -12.79 7.56 12.22
C GLU A 163 -11.30 7.46 11.90
N VAL A 164 -11.03 7.28 10.60
CA VAL A 164 -9.66 7.07 10.15
C VAL A 164 -8.78 8.29 10.45
N VAL A 165 -9.32 9.48 10.15
CA VAL A 165 -8.57 10.70 10.41
C VAL A 165 -8.23 10.83 11.90
N GLU A 166 -9.25 10.56 12.72
CA GLU A 166 -9.04 10.57 14.16
C GLU A 166 -7.94 9.58 14.55
N LEU A 167 -8.05 8.37 13.96
CA LEU A 167 -7.02 7.37 14.22
C LEU A 167 -5.63 7.88 13.84
N CYS A 168 -5.59 8.59 12.69
CA CYS A 168 -4.32 9.09 12.19
C CYS A 168 -3.73 10.17 13.10
N LYS A 169 -4.62 10.95 13.72
CA LYS A 169 -4.17 12.04 14.58
C LYS A 169 -3.80 11.54 15.98
N LYS A 170 -4.67 10.66 16.51
CA LYS A 170 -4.40 10.10 17.83
C LYS A 170 -3.11 9.27 17.83
N TYR A 171 -2.86 8.61 16.68
CA TYR A 171 -1.73 7.70 16.61
C TYR A 171 -0.52 8.31 15.89
N ARG A 172 -0.65 9.62 15.56
CA ARG A 172 0.50 10.28 14.97
C ARG A 172 1.70 10.23 15.91
N GLU A 173 2.89 10.00 15.33
CA GLU A 173 4.03 9.69 16.16
C GLU A 173 4.16 8.17 16.35
N GLN A 174 3.13 7.58 16.99
CA GLN A 174 3.10 6.13 17.04
C GLN A 174 3.02 5.53 15.63
N THR A 175 3.97 5.95 14.78
CA THR A 175 4.15 5.27 13.50
C THR A 175 3.28 5.82 12.37
N VAL A 176 1.95 5.87 12.62
CA VAL A 176 1.05 6.28 11.54
C VAL A 176 1.32 7.72 11.09
N VAL A 177 1.46 7.90 9.76
CA VAL A 177 1.91 9.20 9.27
C VAL A 177 1.00 9.84 8.21
N ALA A 178 -0.06 9.10 7.82
CA ALA A 178 -0.93 9.67 6.78
C ALA A 178 -2.22 8.86 6.56
N ILE A 179 -3.11 9.45 5.72
CA ILE A 179 -4.37 8.79 5.39
C ILE A 179 -4.42 8.40 3.91
N ASP A 180 -5.20 7.35 3.60
CA ASP A 180 -5.23 6.88 2.22
C ASP A 180 -6.66 6.54 1.75
N LEU A 181 -6.77 6.30 0.43
CA LEU A 181 -8.08 6.03 -0.14
C LEU A 181 -8.06 4.85 -1.11
N ALA A 182 -8.90 3.84 -0.78
CA ALA A 182 -9.04 2.69 -1.66
C ALA A 182 -9.89 1.61 -1.00
N GLY A 183 -10.47 0.73 -1.85
CA GLY A 183 -10.13 0.78 -3.26
C GLY A 183 -11.38 0.75 -4.15
N ASP A 184 -11.20 0.25 -5.38
CA ASP A 184 -12.32 0.25 -6.31
C ASP A 184 -12.74 1.68 -6.64
N GLU A 185 -11.88 2.36 -7.43
CA GLU A 185 -12.12 3.76 -7.72
C GLU A 185 -13.00 3.97 -8.96
N THR A 186 -13.87 2.98 -9.21
CA THR A 186 -14.73 3.09 -10.39
C THR A 186 -16.19 3.33 -10.01
N ILE A 187 -16.45 3.19 -8.69
CA ILE A 187 -17.78 3.52 -8.20
C ILE A 187 -18.01 5.04 -8.32
N GLU A 188 -19.16 5.39 -8.92
CA GLU A 188 -19.34 6.76 -9.38
C GLU A 188 -19.26 7.81 -8.28
N GLY A 189 -18.32 8.75 -8.47
CA GLY A 189 -18.26 9.93 -7.61
C GLY A 189 -17.83 9.62 -6.18
N SER A 190 -17.10 8.50 -6.04
CA SER A 190 -16.65 8.11 -4.70
C SER A 190 -15.69 9.14 -4.10
N SER A 191 -14.85 9.72 -4.98
CA SER A 191 -13.90 10.73 -4.53
C SER A 191 -14.60 11.91 -3.87
N LEU A 192 -15.82 12.19 -4.33
CA LEU A 192 -16.53 13.36 -3.82
C LEU A 192 -17.51 13.01 -2.71
N PHE A 193 -17.50 11.70 -2.33
CA PHE A 193 -18.29 11.32 -1.17
C PHE A 193 -18.00 12.26 0.00
N PRO A 194 -19.04 13.02 0.42
CA PRO A 194 -18.91 13.97 1.50
C PRO A 194 -18.04 13.42 2.63
N GLY A 195 -18.37 12.19 3.06
CA GLY A 195 -17.59 11.56 4.12
C GLY A 195 -16.08 11.61 3.85
N HIS A 196 -15.73 11.34 2.57
CA HIS A 196 -14.31 11.28 2.22
C HIS A 196 -13.65 12.66 2.21
N VAL A 197 -14.30 13.60 1.49
CA VAL A 197 -13.68 14.88 1.23
C VAL A 197 -13.48 15.71 2.50
N GLN A 198 -14.40 15.51 3.47
CA GLN A 198 -14.32 16.32 4.67
C GLN A 198 -13.40 15.68 5.70
N ALA A 199 -13.19 14.37 5.54
CA ALA A 199 -12.20 13.69 6.37
C ALA A 199 -10.79 14.06 5.92
N TYR A 200 -10.65 14.19 4.58
CA TYR A 200 -9.38 14.66 4.02
C TYR A 200 -9.16 16.14 4.35
N ALA A 201 -10.28 16.85 4.53
CA ALA A 201 -10.17 18.25 4.94
C ALA A 201 -9.67 18.37 6.38
N GLU A 202 -10.11 17.40 7.20
CA GLU A 202 -9.61 17.33 8.57
C GLU A 202 -8.12 16.98 8.58
N ALA A 203 -7.72 16.12 7.63
CA ALA A 203 -6.31 15.76 7.53
C ALA A 203 -5.44 17.00 7.28
N VAL A 204 -5.88 17.81 6.30
CA VAL A 204 -5.16 19.03 5.98
C VAL A 204 -5.08 19.98 7.19
N LYS A 205 -6.20 20.07 7.92
CA LYS A 205 -6.25 20.96 9.07
C LYS A 205 -5.31 20.53 10.20
N SER A 206 -5.18 19.20 10.33
CA SER A 206 -4.41 18.67 11.45
C SER A 206 -2.98 18.28 11.06
N GLY A 207 -2.64 18.56 9.78
CA GLY A 207 -1.27 18.31 9.33
C GLY A 207 -0.97 16.83 9.10
N VAL A 208 -2.03 16.07 8.75
CA VAL A 208 -1.82 14.67 8.41
C VAL A 208 -1.55 14.50 6.91
N HIS A 209 -0.43 13.80 6.60
CA HIS A 209 -0.07 13.63 5.20
C HIS A 209 -1.16 12.85 4.44
N ARG A 210 -1.21 13.08 3.12
CA ARG A 210 -2.30 12.52 2.33
C ARG A 210 -1.84 11.87 1.03
N THR A 211 -2.33 10.64 0.80
CA THR A 211 -2.13 9.98 -0.48
C THR A 211 -3.43 9.30 -0.93
N VAL A 212 -3.56 9.11 -2.25
CA VAL A 212 -4.83 8.57 -2.75
C VAL A 212 -4.64 7.57 -3.90
N HIS A 213 -5.40 6.46 -3.82
CA HIS A 213 -5.45 5.52 -4.93
C HIS A 213 -6.26 6.11 -6.09
N ALA A 214 -5.54 6.51 -7.14
CA ALA A 214 -6.24 7.14 -8.27
C ALA A 214 -5.50 6.97 -9.59
N GLY A 215 -6.26 6.56 -10.62
CA GLY A 215 -5.68 6.44 -11.94
C GLY A 215 -5.20 5.00 -12.24
N GLU A 216 -5.40 4.11 -11.25
CA GLU A 216 -4.99 2.73 -11.47
C GLU A 216 -5.90 2.04 -12.49
N VAL A 217 -7.21 2.04 -12.19
CA VAL A 217 -8.17 1.49 -13.13
C VAL A 217 -9.29 2.49 -13.43
N GLY A 218 -9.07 3.75 -12.99
CA GLY A 218 -10.07 4.78 -13.23
C GLY A 218 -9.58 5.82 -14.25
N SER A 219 -10.48 6.77 -14.56
CA SER A 219 -10.16 7.78 -15.55
C SER A 219 -9.33 8.93 -14.96
N ALA A 220 -8.83 9.79 -15.86
CA ALA A 220 -7.97 10.89 -15.41
C ALA A 220 -8.71 11.87 -14.50
N ASN A 221 -10.05 11.71 -14.46
CA ASN A 221 -10.84 12.63 -13.66
C ASN A 221 -10.79 12.26 -12.17
N VAL A 222 -10.53 10.97 -11.91
CA VAL A 222 -10.37 10.53 -10.53
C VAL A 222 -9.07 11.06 -9.94
N VAL A 223 -8.04 11.12 -10.80
CA VAL A 223 -6.79 11.74 -10.39
C VAL A 223 -6.99 13.24 -10.10
N LYS A 224 -7.84 13.86 -10.94
CA LYS A 224 -8.08 15.29 -10.78
C LYS A 224 -8.71 15.64 -9.43
N GLU A 225 -9.85 14.99 -9.13
CA GLU A 225 -10.55 15.28 -7.89
C GLU A 225 -9.74 14.87 -6.66
N ALA A 226 -8.74 14.00 -6.90
CA ALA A 226 -7.85 13.62 -5.80
C ALA A 226 -6.89 14.77 -5.47
N VAL A 227 -6.48 15.48 -6.54
CA VAL A 227 -5.51 16.56 -6.39
C VAL A 227 -6.17 17.86 -5.95
N ASP A 228 -7.26 18.21 -6.67
CA ASP A 228 -7.84 19.54 -6.48
C ASP A 228 -8.90 19.56 -5.37
N THR A 229 -9.41 18.37 -5.02
CA THR A 229 -10.44 18.31 -3.98
C THR A 229 -9.94 17.65 -2.71
N LEU A 230 -9.32 16.46 -2.88
CA LEU A 230 -8.84 15.73 -1.71
C LEU A 230 -7.45 16.20 -1.28
N LYS A 231 -6.86 17.07 -2.12
CA LYS A 231 -5.61 17.71 -1.74
C LYS A 231 -4.50 16.70 -1.42
N THR A 232 -4.42 15.66 -2.27
CA THR A 232 -3.38 14.66 -2.05
C THR A 232 -1.98 15.22 -2.27
N GLU A 233 -1.00 14.59 -1.61
CA GLU A 233 0.38 14.97 -1.84
C GLU A 233 1.10 13.91 -2.67
N ARG A 234 0.47 12.72 -2.72
CA ARG A 234 1.01 11.63 -3.51
C ARG A 234 -0.12 10.87 -4.22
N LEU A 235 0.26 10.26 -5.36
CA LEU A 235 -0.74 9.55 -6.15
C LEU A 235 -0.46 8.05 -6.16
N GLY A 236 -1.51 7.26 -5.83
CA GLY A 236 -1.35 5.82 -5.87
C GLY A 236 -1.55 5.30 -7.30
N HIS A 237 -0.42 4.90 -7.93
CA HIS A 237 -0.50 4.51 -9.33
C HIS A 237 -0.49 5.74 -10.24
N GLY A 238 -1.68 6.34 -10.39
CA GLY A 238 -1.78 7.55 -11.19
C GLY A 238 -1.36 7.31 -12.64
N TYR A 239 -1.74 6.12 -13.14
CA TYR A 239 -1.38 5.77 -14.52
C TYR A 239 -2.18 6.58 -15.54
N HIS A 240 -3.49 6.74 -15.25
CA HIS A 240 -4.40 7.24 -16.26
C HIS A 240 -4.29 8.76 -16.49
N THR A 241 -3.41 9.40 -15.71
CA THR A 241 -3.21 10.84 -15.90
C THR A 241 -2.40 11.12 -17.17
N LEU A 242 -2.09 10.04 -17.90
CA LEU A 242 -1.55 10.13 -19.24
C LEU A 242 -2.64 10.40 -20.27
N GLU A 243 -3.90 10.36 -19.80
CA GLU A 243 -5.03 10.66 -20.68
C GLU A 243 -5.18 12.17 -20.88
N ASP A 244 -4.91 12.91 -19.79
CA ASP A 244 -4.99 14.37 -19.86
C ASP A 244 -3.61 15.01 -19.82
N THR A 245 -3.10 15.35 -21.02
CA THR A 245 -1.77 15.94 -21.10
C THR A 245 -1.71 17.27 -20.36
N THR A 246 -2.68 18.00 -19.95
CA THR A 246 -2.31 19.22 -19.23
C THR A 246 -2.19 18.96 -17.78
N LEU A 247 -2.97 18.01 -17.30
CA LEU A 247 -2.83 17.55 -15.93
C LEU A 247 -1.50 16.79 -15.71
N TYR A 248 -1.16 15.90 -16.67
CA TYR A 248 0.17 15.51 -16.67
C TYR A 248 1.22 16.55 -16.67
N ASN A 249 1.28 17.51 -17.61
CA ASN A 249 2.36 18.50 -17.48
C ASN A 249 2.39 19.33 -16.24
N ARG A 250 1.25 19.44 -15.68
CA ARG A 250 1.18 20.13 -14.43
C ARG A 250 1.66 19.34 -13.18
N LEU A 251 1.40 17.98 -13.25
CA LEU A 251 2.06 17.23 -12.23
C LEU A 251 3.54 16.94 -12.40
N ARG A 252 4.06 16.96 -13.66
CA ARG A 252 5.51 17.06 -13.93
C ARG A 252 6.02 18.22 -13.13
N GLN A 253 5.27 19.28 -13.20
CA GLN A 253 5.79 20.55 -12.66
C GLN A 253 5.62 20.90 -11.24
N GLU A 254 4.60 20.37 -10.65
CA GLU A 254 4.47 20.48 -9.18
C GLU A 254 5.33 19.46 -8.31
N ASN A 255 6.36 18.97 -8.97
CA ASN A 255 6.54 17.54 -9.10
C ASN A 255 6.04 16.52 -8.16
N MET A 256 4.88 16.04 -8.58
CA MET A 256 4.25 15.10 -7.68
C MET A 256 4.74 13.63 -7.67
N HIS A 257 4.59 12.94 -6.54
CA HIS A 257 5.03 11.57 -6.50
C HIS A 257 4.01 10.59 -7.04
N PHE A 258 4.32 9.88 -8.08
CA PHE A 258 3.59 8.68 -8.44
C PHE A 258 4.11 7.34 -7.75
N GLU A 259 3.30 6.71 -6.92
CA GLU A 259 3.62 5.33 -6.43
C GLU A 259 3.19 4.21 -7.41
N ILE A 260 4.14 3.87 -8.25
CA ILE A 260 4.02 2.86 -9.28
C ILE A 260 4.03 1.42 -8.81
N CYS A 261 3.08 0.65 -9.30
CA CYS A 261 3.29 -0.72 -8.94
C CYS A 261 3.30 -1.65 -10.18
N PRO A 262 4.48 -1.91 -10.82
CA PRO A 262 4.51 -2.57 -12.12
C PRO A 262 3.95 -3.90 -12.26
N TRP A 263 4.42 -4.80 -11.40
CA TRP A 263 3.75 -6.13 -11.27
C TRP A 263 2.24 -6.15 -10.80
N SER A 264 1.88 -5.35 -9.83
CA SER A 264 0.51 -5.15 -9.69
C SER A 264 -0.23 -4.75 -10.91
N SER A 265 0.30 -3.79 -11.73
CA SER A 265 -0.55 -3.35 -12.83
C SER A 265 -0.88 -4.31 -13.91
N TYR A 266 -0.07 -5.38 -13.97
CA TYR A 266 -0.44 -6.43 -14.94
C TYR A 266 -1.48 -7.44 -14.43
N LEU A 267 -1.20 -7.97 -13.19
CA LEU A 267 -2.17 -8.91 -12.70
C LEU A 267 -3.57 -8.35 -12.40
N THR A 268 -3.68 -7.04 -12.39
CA THR A 268 -4.98 -6.39 -12.31
C THR A 268 -5.67 -6.02 -13.60
N GLY A 269 -4.96 -6.17 -14.68
CA GLY A 269 -5.53 -5.44 -15.82
C GLY A 269 -5.27 -3.95 -15.98
N ALA A 270 -4.86 -3.19 -14.94
CA ALA A 270 -4.61 -1.76 -15.28
C ALA A 270 -3.80 -1.39 -16.51
N TRP A 271 -2.79 -2.29 -16.72
CA TRP A 271 -2.00 -2.12 -17.94
C TRP A 271 -2.06 -3.33 -18.87
N LYS A 272 -2.32 -3.01 -20.16
CA LYS A 272 -2.32 -4.16 -21.07
C LYS A 272 -0.97 -4.38 -21.70
N PRO A 273 -0.52 -5.57 -21.89
CA PRO A 273 0.85 -5.73 -22.33
C PRO A 273 1.24 -5.16 -23.67
N ASP A 274 0.23 -4.94 -24.49
CA ASP A 274 0.64 -4.68 -25.84
C ASP A 274 0.68 -3.21 -26.06
N THR A 275 1.23 -2.54 -25.02
CA THR A 275 1.28 -1.03 -24.93
C THR A 275 2.39 -0.43 -24.09
N GLU A 276 2.86 0.75 -24.33
CA GLU A 276 3.66 1.44 -23.26
C GLU A 276 3.49 1.03 -21.87
N HIS A 277 4.44 0.83 -20.99
CA HIS A 277 3.84 0.71 -19.69
C HIS A 277 3.85 2.13 -19.19
N ALA A 278 2.87 2.49 -18.37
CA ALA A 278 3.03 3.83 -17.82
C ALA A 278 4.44 4.34 -17.24
N VAL A 279 5.18 3.37 -16.53
CA VAL A 279 6.52 3.65 -16.06
C VAL A 279 7.66 3.91 -17.05
N ILE A 280 7.58 3.38 -18.26
CA ILE A 280 8.68 3.77 -19.15
C ILE A 280 8.73 5.23 -19.49
N ARG A 281 7.52 5.68 -19.70
CA ARG A 281 7.26 7.14 -19.74
C ARG A 281 7.58 7.96 -18.52
N PHE A 282 7.19 7.42 -17.33
CA PHE A 282 7.76 8.17 -16.22
C PHE A 282 9.28 8.21 -16.16
N LYS A 283 9.94 7.12 -16.59
CA LYS A 283 11.44 7.09 -16.77
C LYS A 283 12.08 8.10 -17.77
N ASN A 284 11.53 8.03 -18.94
CA ASN A 284 12.00 8.94 -19.99
C ASN A 284 11.74 10.45 -19.75
N ASP A 285 10.69 10.66 -18.94
CA ASP A 285 10.26 12.00 -18.65
C ASP A 285 10.73 12.61 -17.39
N GLN A 286 11.55 11.82 -16.63
CA GLN A 286 12.04 12.19 -15.34
C GLN A 286 11.05 12.41 -14.38
N VAL A 287 10.00 11.79 -14.34
CA VAL A 287 9.02 11.96 -13.26
C VAL A 287 9.57 11.54 -11.83
N ASN A 288 8.98 12.17 -10.82
CA ASN A 288 9.09 11.72 -9.48
C ASN A 288 8.26 10.46 -9.23
N TYR A 289 8.88 9.29 -9.11
CA TYR A 289 7.98 8.15 -8.92
C TYR A 289 8.67 7.06 -8.05
N SER A 290 7.89 6.05 -7.63
CA SER A 290 8.57 4.91 -6.98
C SER A 290 8.24 3.54 -7.47
N LEU A 291 8.97 2.56 -7.06
CA LEU A 291 8.74 1.15 -7.37
C LEU A 291 8.26 0.44 -6.15
N ASN A 292 7.14 -0.27 -6.20
CA ASN A 292 6.43 -0.72 -5.04
C ASN A 292 5.67 -2.01 -5.34
N THR A 293 5.29 -2.69 -4.32
CA THR A 293 4.85 -4.09 -4.52
C THR A 293 3.33 -4.38 -4.46
N ASP A 294 2.66 -3.48 -3.65
CA ASP A 294 1.23 -3.46 -3.49
C ASP A 294 0.79 -4.57 -2.62
N ASP A 295 0.87 -5.75 -3.21
CA ASP A 295 0.38 -6.92 -2.50
C ASP A 295 1.26 -8.12 -2.79
N PRO A 296 2.33 -8.29 -1.94
CA PRO A 296 3.14 -9.50 -2.12
C PRO A 296 2.48 -10.97 -2.04
N LEU A 297 1.50 -11.18 -1.04
CA LEU A 297 0.69 -12.38 -1.05
C LEU A 297 -0.16 -12.67 -2.25
N ILE A 298 -1.10 -11.76 -2.57
CA ILE A 298 -1.91 -12.01 -3.76
C ILE A 298 -1.14 -12.03 -5.04
N PHE A 299 -0.13 -11.28 -5.12
CA PHE A 299 0.56 -11.39 -6.47
C PHE A 299 1.82 -12.36 -6.66
N LYS A 300 1.96 -13.30 -5.65
CA LYS A 300 3.19 -14.13 -5.48
C LYS A 300 4.52 -13.42 -5.79
N SER A 301 4.79 -12.38 -5.03
CA SER A 301 5.95 -11.61 -5.47
C SER A 301 6.74 -11.06 -4.33
N THR A 302 7.86 -10.42 -4.67
CA THR A 302 8.60 -9.73 -3.59
C THR A 302 9.05 -8.40 -4.24
N LEU A 303 9.53 -7.35 -3.59
CA LEU A 303 10.11 -6.25 -4.35
C LEU A 303 11.00 -6.56 -5.50
N ASP A 304 11.68 -7.63 -5.32
CA ASP A 304 12.51 -7.99 -6.42
C ASP A 304 11.83 -8.49 -7.71
N THR A 305 10.55 -8.89 -7.58
CA THR A 305 9.91 -9.23 -8.87
C THR A 305 9.66 -8.02 -9.78
N ASP A 306 9.46 -6.82 -9.18
CA ASP A 306 9.41 -5.72 -10.06
C ASP A 306 10.54 -4.71 -10.34
N TYR A 307 11.61 -4.80 -9.50
CA TYR A 307 12.91 -4.38 -10.09
C TYR A 307 13.35 -5.29 -11.21
N GLN A 308 13.03 -6.57 -11.07
CA GLN A 308 13.33 -7.48 -12.14
C GLN A 308 12.58 -7.25 -13.46
N MET A 309 11.22 -7.18 -13.40
CA MET A 309 10.37 -6.85 -14.60
C MET A 309 10.69 -5.58 -15.29
N THR A 310 10.88 -4.54 -14.55
CA THR A 310 11.54 -3.33 -15.17
C THR A 310 13.00 -3.44 -15.66
N LYS A 311 13.89 -4.13 -14.91
CA LYS A 311 15.23 -4.32 -15.53
C LYS A 311 15.16 -5.14 -16.77
N LYS A 312 14.32 -6.14 -16.70
CA LYS A 312 14.33 -7.09 -17.82
C LYS A 312 13.48 -6.74 -19.02
N ASP A 313 12.20 -6.49 -18.80
CA ASP A 313 11.50 -6.12 -20.02
C ASP A 313 11.39 -4.64 -20.45
N MET A 314 11.97 -3.80 -19.64
CA MET A 314 11.79 -2.37 -20.01
C MET A 314 13.06 -1.49 -19.96
N GLY A 315 14.26 -2.16 -19.85
CA GLY A 315 15.46 -1.36 -19.88
C GLY A 315 15.76 -0.38 -18.75
N PHE A 316 15.28 -0.68 -17.54
CA PHE A 316 15.88 0.13 -16.48
C PHE A 316 17.33 -0.26 -16.13
N THR A 317 18.17 0.73 -15.99
CA THR A 317 19.54 0.47 -15.58
C THR A 317 19.73 0.87 -14.11
N GLU A 318 20.92 0.65 -13.55
CA GLU A 318 20.83 1.01 -12.15
C GLU A 318 20.94 2.45 -11.80
N GLU A 319 20.97 3.26 -12.82
CA GLU A 319 21.08 4.70 -12.41
C GLU A 319 19.75 5.35 -12.05
N GLU A 320 18.73 4.74 -12.63
CA GLU A 320 17.30 5.10 -12.48
C GLU A 320 16.67 4.44 -11.34
N PHE A 321 16.98 3.12 -11.16
CA PHE A 321 16.95 2.50 -9.87
C PHE A 321 17.40 3.28 -8.70
N LYS A 322 18.56 3.88 -8.79
CA LYS A 322 18.84 4.75 -7.65
C LYS A 322 18.28 6.18 -7.66
N ARG A 323 18.14 6.76 -8.87
CA ARG A 323 17.28 7.91 -8.91
C ARG A 323 15.94 7.73 -8.23
N LEU A 324 15.38 6.56 -8.43
CA LEU A 324 13.97 6.44 -8.05
C LEU A 324 13.73 6.21 -6.58
N ASN A 325 14.78 5.69 -5.93
CA ASN A 325 14.77 5.47 -4.46
C ASN A 325 15.18 6.71 -3.67
N ILE A 326 16.07 7.47 -4.21
CA ILE A 326 16.12 8.82 -3.66
C ILE A 326 14.88 9.83 -3.86
N ASN A 327 14.17 9.77 -4.86
CA ASN A 327 12.86 10.37 -5.04
C ASN A 327 11.86 9.83 -4.01
N ALA A 328 11.81 8.49 -3.91
CA ALA A 328 10.90 7.87 -2.95
C ALA A 328 11.18 8.35 -1.52
N ALA A 329 12.48 8.51 -1.22
CA ALA A 329 12.86 8.99 0.11
C ALA A 329 12.45 10.46 0.31
N LYS A 330 12.65 11.25 -0.76
CA LYS A 330 12.28 12.66 -0.69
C LYS A 330 10.78 12.85 -0.43
N SER A 331 9.97 12.07 -1.17
CA SER A 331 8.53 12.25 -1.10
C SER A 331 7.89 11.41 0.01
N SER A 332 8.73 10.96 0.95
CA SER A 332 8.19 10.16 2.05
C SER A 332 7.46 11.04 3.07
N PHE A 333 6.52 10.40 3.80
CA PHE A 333 5.80 11.14 4.83
C PHE A 333 6.60 11.17 6.13
N LEU A 334 7.88 11.54 6.00
CA LEU A 334 8.76 11.58 7.17
C LEU A 334 9.06 13.02 7.60
N PRO A 335 9.08 13.23 8.93
CA PRO A 335 9.46 14.52 9.49
C PRO A 335 10.74 15.04 8.84
N GLU A 336 10.84 16.38 8.73
CA GLU A 336 11.99 16.97 8.06
C GLU A 336 13.30 16.47 8.66
N ASP A 337 13.40 16.18 9.71
CA ASP A 337 14.77 15.74 10.07
C ASP A 337 15.12 14.29 9.72
N GLU A 338 14.08 13.46 9.86
CA GLU A 338 14.31 12.04 9.63
C GLU A 338 14.46 11.69 8.16
N LYS A 339 13.71 12.46 7.35
CA LYS A 339 13.85 12.26 5.90
C LYS A 339 15.28 12.57 5.45
N LYS A 340 15.88 13.49 6.22
CA LYS A 340 17.25 13.88 5.96
C LYS A 340 18.42 12.97 6.45
N GLU A 341 18.25 12.39 7.63
CA GLU A 341 19.07 11.22 7.90
C GLU A 341 18.86 10.05 6.91
N LEU A 342 17.63 9.81 6.35
CA LEU A 342 17.47 8.75 5.30
C LEU A 342 18.02 9.10 3.98
N LEU A 343 17.93 10.38 3.66
CA LEU A 343 18.71 10.73 2.47
C LEU A 343 20.24 10.56 2.58
N ASP A 344 20.82 11.00 3.68
CA ASP A 344 22.21 10.68 3.97
C ASP A 344 22.68 9.21 3.81
N LEU A 345 22.05 8.27 4.52
CA LEU A 345 22.30 6.82 4.30
C LEU A 345 22.37 6.34 2.88
N LEU A 346 21.34 6.75 2.10
CA LEU A 346 21.27 6.29 0.70
C LEU A 346 22.30 6.92 -0.19
N TYR A 347 22.41 8.20 -0.13
CA TYR A 347 23.53 8.76 -0.90
C TYR A 347 24.90 8.05 -0.64
N LYS A 348 25.18 7.81 0.63
CA LYS A 348 26.48 7.13 0.77
C LYS A 348 26.53 5.64 0.38
N ALA A 349 25.38 4.98 0.66
CA ALA A 349 25.30 3.60 0.20
C ALA A 349 25.40 3.32 -1.23
N TYR A 350 24.92 4.33 -2.01
CA TYR A 350 25.02 4.37 -3.47
C TYR A 350 26.27 4.98 -4.02
N ARG A 351 27.01 5.65 -3.22
CA ARG A 351 28.30 5.88 -3.82
C ARG A 351 29.51 5.29 -2.97
#